data_7JVO
#
_entry.id   7JVO
#
_cell.length_a   78.938
_cell.length_b   89.948
_cell.length_c   100.086
_cell.angle_alpha   90.000
_cell.angle_beta   90.000
_cell.angle_gamma   90.000
#
_symmetry.space_group_name_H-M   'P 21 21 21'
#
loop_
_entity.id
_entity.type
_entity.pdbx_description
1 polymer 'Importin subunit alpha-1'
2 polymer ARG-LYS-LYS-LYS-ASN-LYS-ALA
3 water water
#
loop_
_entity_poly.entity_id
_entity_poly.type
_entity_poly.pdbx_seq_one_letter_code
_entity_poly.pdbx_strand_id
1 'polypeptide(L)'
;MHHHHHHSSGLVPRGSGMLETAAALFERNHMDSPDLGTDDDDLAMADIGSNQGTVNWSVEDIVKGINSNNLESQLQATQA
ARKLLSREKQPPIDNIIRAGLIPKFVSFLGKTDCSPIQFESAWALTNIASGTSEQTKAVVDGGAIPAFISLLASPHAHIS
EQAVWALGNIAGDGSAFRDLVIKHGAIDPLLALLAVPDLSTLACGYLRNLTWTLSNLCRNKNPAPPLDAVEQILPTLVRL
LHHNDPEVLADSCWAISYLTDGPNERIEMVVKKGVVPQLVKLLGATELPIVTPALRAIGNIVTGTDEQTQKVIDAGALAV
FPSLLTNPKTNIQKEATWTMSNITAGRQDQIQQVVNHGLVPFLVGVLSKADFKTQKEAAWAITNYTSGGTVEQIVYLVHC
GIIEPLMNLLSAKDTKIIQVILDAISNIFQAAEKLGETEKLSIMIEECGGLDKIEALQRHENESVYKASLNLIEKYFSVE
EEEDQNVVPETTSEGFAFQVQDGAPGTFNF
;
A
2 'polypeptide(L)' RDRKKKNKARSGEN B
#
# COMPACT_ATOMS: atom_id res chain seq x y z
N GLY A 53 21.11 34.94 12.58
CA GLY A 53 20.16 36.00 12.29
C GLY A 53 18.75 35.70 12.78
N THR A 54 18.10 34.70 12.16
CA THR A 54 16.78 34.24 12.56
C THR A 54 16.82 32.85 13.18
N VAL A 55 17.90 32.54 13.90
CA VAL A 55 18.14 31.19 14.42
C VAL A 55 17.85 31.17 15.92
N ASN A 56 17.03 30.19 16.34
CA ASN A 56 16.75 29.94 17.75
C ASN A 56 16.08 31.13 18.44
N TRP A 57 15.13 31.76 17.74
CA TRP A 57 14.30 32.76 18.39
C TRP A 57 13.39 32.09 19.41
N SER A 58 12.98 32.86 20.40
CA SER A 58 11.92 32.41 21.28
C SER A 58 10.57 32.62 20.59
N VAL A 59 9.57 31.82 21.02
CA VAL A 59 8.23 32.00 20.50
C VAL A 59 7.71 33.40 20.83
N GLU A 60 8.13 33.94 21.98
CA GLU A 60 7.74 35.28 22.37
C GLU A 60 8.25 36.32 21.39
N ASP A 61 9.51 36.20 20.97
CA ASP A 61 10.08 37.12 19.99
C ASP A 61 9.40 36.97 18.64
N ILE A 62 9.07 35.74 18.26
CA ILE A 62 8.36 35.51 17.00
C ILE A 62 7.02 36.21 17.01
N VAL A 63 6.28 36.08 18.13
CA VAL A 63 4.99 36.74 18.25
C VAL A 63 5.16 38.25 18.19
N LYS A 64 6.17 38.78 18.88
CA LYS A 64 6.41 40.22 18.84
C LYS A 64 6.67 40.71 17.42
N GLY A 65 7.48 39.97 16.66
CA GLY A 65 7.76 40.37 15.30
C GLY A 65 6.53 40.29 14.39
N ILE A 66 5.77 39.20 14.50
CA ILE A 66 4.62 39.02 13.63
C ILE A 66 3.54 40.04 13.96
N ASN A 67 3.43 40.45 15.22
CA ASN A 67 2.40 41.40 15.65
C ASN A 67 2.79 42.86 15.46
N SER A 68 4.05 43.17 15.15
CA SER A 68 4.33 44.46 14.57
C SER A 68 3.60 44.56 13.23
N ASN A 69 3.39 45.77 12.75
CA ASN A 69 2.97 45.82 11.35
C ASN A 69 4.03 46.52 10.53
N ASN A 70 5.24 45.95 10.63
CA ASN A 70 6.34 46.19 9.72
C ASN A 70 6.48 44.90 8.92
N LEU A 71 6.21 44.98 7.62
CA LEU A 71 6.23 43.77 6.80
C LEU A 71 7.56 43.05 6.89
N GLU A 72 8.67 43.81 6.91
CA GLU A 72 9.98 43.15 7.00
C GLU A 72 10.18 42.51 8.36
N SER A 73 9.75 43.17 9.42
CA SER A 73 9.80 42.56 10.75
C SER A 73 8.99 41.27 10.77
N GLN A 74 7.81 41.28 10.13
CA GLN A 74 6.97 40.09 10.08
C GLN A 74 7.64 38.98 9.30
N LEU A 75 8.30 39.32 8.17
CA LEU A 75 9.03 38.32 7.40
C LEU A 75 10.16 37.72 8.22
N GLN A 76 10.92 38.55 8.93
CA GLN A 76 12.00 38.06 9.79
C GLN A 76 11.47 37.07 10.82
N ALA A 77 10.40 37.46 11.52
CA ALA A 77 9.84 36.59 12.55
C ALA A 77 9.26 35.31 11.95
N THR A 78 8.66 35.40 10.76
CA THR A 78 8.10 34.22 10.11
C THR A 78 9.20 33.24 9.72
N GLN A 79 10.32 33.75 9.19
CA GLN A 79 11.44 32.87 8.90
C GLN A 79 12.00 32.25 10.18
N ALA A 80 12.05 33.02 11.26
CA ALA A 80 12.47 32.46 12.54
C ALA A 80 11.57 31.31 12.96
N ALA A 81 10.24 31.49 12.80
CA ALA A 81 9.30 30.42 13.10
C ALA A 81 9.53 29.20 12.20
N ARG A 82 9.77 29.45 10.92
CA ARG A 82 10.05 28.35 9.99
C ARG A 82 11.26 27.55 10.43
N LYS A 83 12.32 28.24 10.86
CA LYS A 83 13.53 27.55 11.29
C LYS A 83 13.28 26.78 12.57
N LEU A 84 12.51 27.36 13.50
CA LEU A 84 12.09 26.63 14.70
C LEU A 84 11.35 25.35 14.32
N LEU A 85 10.41 25.45 13.39
CA LEU A 85 9.55 24.31 13.03
C LEU A 85 10.26 23.29 12.15
N SER A 86 11.41 23.63 11.57
CA SER A 86 12.13 22.69 10.72
C SER A 86 13.34 22.09 11.43
N ARG A 87 13.38 22.13 12.75
CA ARG A 87 14.43 21.45 13.51
C ARG A 87 13.99 20.01 13.80
N GLU A 88 14.97 19.11 13.88
CA GLU A 88 14.66 17.69 13.96
C GLU A 88 14.19 17.26 15.34
N LYS A 89 14.73 17.87 16.40
CA LYS A 89 14.42 17.46 17.76
C LYS A 89 13.24 18.28 18.28
N GLN A 90 12.07 17.63 18.36
CA GLN A 90 10.85 18.15 18.97
C GLN A 90 10.55 19.59 18.57
N PRO A 91 10.18 19.86 17.32
CA PRO A 91 9.78 21.22 16.95
C PRO A 91 8.56 21.66 17.73
N PRO A 92 8.58 22.87 18.30
CA PRO A 92 7.50 23.32 19.19
C PRO A 92 6.23 23.69 18.43
N ILE A 93 5.63 22.69 17.77
CA ILE A 93 4.42 22.94 17.00
C ILE A 93 3.30 23.46 17.89
N ASP A 94 3.09 22.81 19.04
CA ASP A 94 1.96 23.19 19.89
C ASP A 94 2.16 24.57 20.51
N ASN A 95 3.41 24.95 20.78
CA ASN A 95 3.68 26.30 21.26
C ASN A 95 3.33 27.34 20.19
N ILE A 96 3.72 27.07 18.94
CA ILE A 96 3.37 27.97 17.85
C ILE A 96 1.85 28.07 17.70
N ILE A 97 1.14 26.95 17.79
CA ILE A 97 -0.31 26.98 17.66
C ILE A 97 -0.92 27.79 18.79
N ARG A 98 -0.49 27.53 20.02
CA ARG A 98 -1.08 28.20 21.18
C ARG A 98 -0.83 29.70 21.15
N ALA A 99 0.28 30.14 20.54
CA ALA A 99 0.54 31.58 20.40
C ALA A 99 -0.39 32.25 19.39
N GLY A 100 -1.25 31.49 18.70
CA GLY A 100 -2.19 32.09 17.77
C GLY A 100 -1.60 32.49 16.43
N LEU A 101 -0.51 31.86 16.02
CA LEU A 101 0.20 32.31 14.82
C LEU A 101 -0.39 31.79 13.52
N ILE A 102 -1.21 30.74 13.55
CA ILE A 102 -1.69 30.13 12.30
C ILE A 102 -2.48 31.11 11.44
N PRO A 103 -3.46 31.88 11.97
CA PRO A 103 -4.17 32.82 11.10
C PRO A 103 -3.26 33.87 10.48
N LYS A 104 -2.19 34.26 11.19
CA LYS A 104 -1.26 35.23 10.63
CA LYS A 104 -1.26 35.23 10.63
C LYS A 104 -0.46 34.62 9.48
N PHE A 105 0.02 33.39 9.64
CA PHE A 105 0.68 32.69 8.53
C PHE A 105 -0.25 32.55 7.34
N VAL A 106 -1.50 32.18 7.59
CA VAL A 106 -2.46 32.00 6.51
C VAL A 106 -2.67 33.32 5.76
N SER A 107 -2.79 34.43 6.49
CA SER A 107 -2.93 35.72 5.80
C SER A 107 -1.66 36.06 5.03
N PHE A 108 -0.48 35.68 5.55
CA PHE A 108 0.75 35.92 4.81
C PHE A 108 0.78 35.14 3.51
N LEU A 109 0.08 33.99 3.46
CA LEU A 109 0.01 33.24 2.20
C LEU A 109 -0.51 34.10 1.05
N GLY A 110 -1.39 35.07 1.34
CA GLY A 110 -1.97 35.90 0.31
C GLY A 110 -1.21 37.16 -0.05
N LYS A 111 -0.02 37.38 0.51
CA LYS A 111 0.74 38.61 0.24
C LYS A 111 1.53 38.44 -1.05
N THR A 112 0.83 38.61 -2.17
CA THR A 112 1.43 38.45 -3.49
C THR A 112 2.63 39.37 -3.68
N ASP A 113 2.60 40.56 -3.06
CA ASP A 113 3.62 41.58 -3.28
C ASP A 113 4.94 41.26 -2.58
N CYS A 114 4.95 40.28 -1.67
CA CYS A 114 6.16 39.92 -0.92
C CYS A 114 6.28 38.39 -0.95
N SER A 115 6.84 37.88 -2.05
CA SER A 115 6.99 36.44 -2.22
C SER A 115 7.73 35.74 -1.08
N PRO A 116 8.78 36.33 -0.46
CA PRO A 116 9.46 35.59 0.62
C PRO A 116 8.57 35.26 1.81
N ILE A 117 7.66 36.15 2.21
CA ILE A 117 6.82 35.82 3.36
C ILE A 117 5.79 34.77 2.98
N GLN A 118 5.33 34.76 1.73
CA GLN A 118 4.52 33.66 1.23
C GLN A 118 5.26 32.35 1.41
N PHE A 119 6.52 32.30 0.98
CA PHE A 119 7.30 31.07 1.07
C PHE A 119 7.52 30.64 2.52
N GLU A 120 7.93 31.58 3.37
CA GLU A 120 8.25 31.22 4.76
C GLU A 120 7.00 30.77 5.52
N SER A 121 5.87 31.45 5.33
CA SER A 121 4.66 31.02 6.01
C SER A 121 4.14 29.70 5.43
N ALA A 122 4.29 29.48 4.12
CA ALA A 122 3.91 28.20 3.54
C ALA A 122 4.73 27.06 4.13
N TRP A 123 6.03 27.29 4.31
CA TRP A 123 6.90 26.27 4.90
C TRP A 123 6.52 26.01 6.36
N ALA A 124 6.33 27.08 7.14
CA ALA A 124 5.93 26.92 8.53
C ALA A 124 4.62 26.14 8.65
N LEU A 125 3.63 26.48 7.82
CA LEU A 125 2.35 25.80 7.88
C LEU A 125 2.47 24.37 7.39
N THR A 126 3.33 24.12 6.40
CA THR A 126 3.60 22.76 5.98
C THR A 126 4.06 21.91 7.15
N ASN A 127 4.98 22.45 7.95
CA ASN A 127 5.53 21.65 9.03
C ASN A 127 4.53 21.49 10.17
N ILE A 128 3.70 22.51 10.43
CA ILE A 128 2.61 22.31 11.38
C ILE A 128 1.67 21.23 10.90
N ALA A 129 1.30 21.25 9.62
CA ALA A 129 0.35 20.28 9.07
C ALA A 129 0.92 18.87 8.99
N SER A 130 2.25 18.72 9.10
CA SER A 130 2.88 17.41 9.09
C SER A 130 2.75 16.68 10.42
N GLY A 131 2.17 17.30 11.43
CA GLY A 131 2.12 16.70 12.75
C GLY A 131 0.92 15.82 12.99
N THR A 132 0.34 15.92 14.19
CA THR A 132 -0.80 15.10 14.54
C THR A 132 -2.06 15.57 13.79
N SER A 133 -3.11 14.75 13.88
CA SER A 133 -4.39 15.13 13.29
C SER A 133 -4.90 16.46 13.83
N GLU A 134 -4.68 16.71 15.13
CA GLU A 134 -5.14 17.98 15.71
C GLU A 134 -4.32 19.16 15.18
N GLN A 135 -3.03 18.97 14.94
CA GLN A 135 -2.21 20.05 14.40
C GLN A 135 -2.59 20.33 12.93
N THR A 136 -2.75 19.28 12.13
CA THR A 136 -3.26 19.48 10.77
C THR A 136 -4.62 20.17 10.81
N LYS A 137 -5.48 19.76 11.73
CA LYS A 137 -6.79 20.38 11.84
C LYS A 137 -6.67 21.86 12.16
N ALA A 138 -5.72 22.22 13.04
CA ALA A 138 -5.52 23.64 13.33
C ALA A 138 -5.12 24.40 12.07
N VAL A 139 -4.31 23.77 11.21
CA VAL A 139 -3.96 24.42 9.94
C VAL A 139 -5.21 24.59 9.06
N VAL A 140 -6.00 23.53 8.93
CA VAL A 140 -7.20 23.59 8.09
C VAL A 140 -8.19 24.63 8.63
N ASP A 141 -8.37 24.66 9.96
CA ASP A 141 -9.32 25.60 10.57
C ASP A 141 -8.94 27.05 10.29
N GLY A 142 -7.65 27.32 10.08
CA GLY A 142 -7.24 28.69 9.75
C GLY A 142 -7.53 29.13 8.33
N GLY A 143 -8.20 28.30 7.53
CA GLY A 143 -8.46 28.62 6.14
C GLY A 143 -7.30 28.37 5.19
N ALA A 144 -6.38 27.48 5.56
CA ALA A 144 -5.17 27.30 4.76
C ALA A 144 -5.44 26.65 3.40
N ILE A 145 -6.48 25.82 3.29
CA ILE A 145 -6.66 25.01 2.07
C ILE A 145 -6.84 25.87 0.83
N PRO A 146 -7.83 26.78 0.77
CA PRO A 146 -7.95 27.60 -0.45
C PRO A 146 -6.75 28.48 -0.70
N ALA A 147 -6.07 28.94 0.35
CA ALA A 147 -4.90 29.79 0.16
C ALA A 147 -3.74 29.02 -0.48
N PHE A 148 -3.52 27.78 -0.03
CA PHE A 148 -2.51 26.94 -0.67
C PHE A 148 -2.89 26.61 -2.11
N ILE A 149 -4.17 26.33 -2.36
CA ILE A 149 -4.59 26.05 -3.73
C ILE A 149 -4.34 27.27 -4.61
N SER A 150 -4.55 28.46 -4.06
CA SER A 150 -4.21 29.68 -4.77
C SER A 150 -2.73 29.77 -5.07
N LEU A 151 -1.89 29.30 -4.14
CA LEU A 151 -0.45 29.36 -4.37
C LEU A 151 0.04 28.34 -5.40
N LEU A 152 -0.75 27.30 -5.65
CA LEU A 152 -0.33 26.31 -6.65
C LEU A 152 0.07 26.94 -7.99
N ALA A 153 -0.58 28.03 -8.38
CA ALA A 153 -0.31 28.69 -9.66
C ALA A 153 0.66 29.86 -9.54
N SER A 154 1.44 29.92 -8.46
CA SER A 154 2.36 31.03 -8.28
C SER A 154 3.50 30.94 -9.29
N PRO A 155 4.01 32.09 -9.76
CA PRO A 155 5.14 32.07 -10.70
C PRO A 155 6.45 31.62 -10.09
N HIS A 156 6.56 31.57 -8.76
CA HIS A 156 7.77 31.12 -8.08
C HIS A 156 7.64 29.63 -7.80
N ALA A 157 8.55 28.84 -8.38
CA ALA A 157 8.41 27.38 -8.34
C ALA A 157 8.55 26.85 -6.92
N HIS A 158 9.42 27.46 -6.11
CA HIS A 158 9.58 26.97 -4.74
C HIS A 158 8.32 27.22 -3.91
N ILE A 159 7.58 28.29 -4.20
CA ILE A 159 6.36 28.58 -3.47
C ILE A 159 5.26 27.58 -3.84
N SER A 160 5.07 27.34 -5.13
CA SER A 160 4.05 26.37 -5.54
C SER A 160 4.41 24.96 -5.10
N GLU A 161 5.70 24.61 -5.13
CA GLU A 161 6.12 23.33 -4.57
C GLU A 161 5.78 23.23 -3.08
N GLN A 162 6.01 24.31 -2.33
CA GLN A 162 5.64 24.30 -0.91
C GLN A 162 4.14 24.08 -0.74
N ALA A 163 3.33 24.75 -1.56
CA ALA A 163 1.88 24.56 -1.49
C ALA A 163 1.50 23.11 -1.81
N VAL A 164 2.14 22.51 -2.82
CA VAL A 164 1.94 21.09 -3.13
C VAL A 164 2.20 20.24 -1.90
N TRP A 165 3.35 20.46 -1.26
CA TRP A 165 3.73 19.71 -0.07
C TRP A 165 2.70 19.87 1.05
N ALA A 166 2.28 21.10 1.33
CA ALA A 166 1.32 21.35 2.39
C ALA A 166 0.00 20.64 2.11
N LEU A 167 -0.51 20.75 0.88
CA LEU A 167 -1.74 20.06 0.54
C LEU A 167 -1.57 18.56 0.64
N GLY A 168 -0.36 18.06 0.36
CA GLY A 168 -0.10 16.64 0.57
C GLY A 168 -0.25 16.23 2.02
N ASN A 169 0.30 17.02 2.94
CA ASN A 169 0.17 16.71 4.37
C ASN A 169 -1.30 16.75 4.81
N ILE A 170 -2.01 17.80 4.40
CA ILE A 170 -3.41 17.96 4.78
C ILE A 170 -4.24 16.78 4.26
N ALA A 171 -4.13 16.50 2.96
CA ALA A 171 -4.87 15.37 2.39
C ALA A 171 -4.45 14.05 3.01
N GLY A 172 -3.18 13.91 3.37
CA GLY A 172 -2.71 12.67 3.97
C GLY A 172 -3.22 12.44 5.36
N ASP A 173 -3.79 13.46 6.01
CA ASP A 173 -4.41 13.22 7.31
C ASP A 173 -5.48 12.13 7.26
N GLY A 174 -6.29 12.07 6.20
CA GLY A 174 -7.36 11.10 6.16
C GLY A 174 -8.43 11.46 5.16
N SER A 175 -9.46 10.60 5.13
CA SER A 175 -10.51 10.69 4.11
C SER A 175 -11.20 12.05 4.11
N ALA A 176 -11.56 12.56 5.29
CA ALA A 176 -12.32 13.79 5.37
C ALA A 176 -11.52 14.97 4.82
N PHE A 177 -10.28 15.15 5.30
CA PHE A 177 -9.48 16.26 4.79
C PHE A 177 -9.07 16.04 3.34
N ARG A 178 -8.87 14.79 2.93
CA ARG A 178 -8.59 14.50 1.52
C ARG A 178 -9.74 14.96 0.64
N ASP A 179 -10.97 14.60 1.01
CA ASP A 179 -12.13 15.00 0.23
C ASP A 179 -12.39 16.49 0.33
N LEU A 180 -12.02 17.13 1.45
CA LEU A 180 -12.17 18.57 1.55
C LEU A 180 -11.18 19.29 0.65
N VAL A 181 -9.94 18.81 0.60
CA VAL A 181 -8.98 19.34 -0.37
C VAL A 181 -9.51 19.20 -1.78
N ILE A 182 -10.12 18.05 -2.10
CA ILE A 182 -10.67 17.85 -3.44
C ILE A 182 -11.82 18.82 -3.70
N LYS A 183 -12.72 19.01 -2.72
CA LYS A 183 -13.86 19.90 -2.91
C LYS A 183 -13.43 21.35 -3.14
N HIS A 184 -12.34 21.78 -2.51
CA HIS A 184 -11.81 23.12 -2.76
C HIS A 184 -11.16 23.26 -4.13
N GLY A 185 -11.10 22.19 -4.93
CA GLY A 185 -10.64 22.27 -6.31
C GLY A 185 -9.14 22.16 -6.51
N ALA A 186 -8.46 21.32 -5.73
CA ALA A 186 -7.00 21.24 -5.85
C ALA A 186 -6.54 20.43 -7.06
N ILE A 187 -7.37 19.49 -7.54
CA ILE A 187 -6.90 18.51 -8.52
C ILE A 187 -6.53 19.19 -9.83
N ASP A 188 -7.37 20.11 -10.32
CA ASP A 188 -7.09 20.78 -11.59
C ASP A 188 -5.75 21.52 -11.58
N PRO A 189 -5.45 22.42 -10.62
CA PRO A 189 -4.12 23.06 -10.66
C PRO A 189 -2.97 22.11 -10.39
N LEU A 190 -3.17 21.09 -9.55
CA LEU A 190 -2.11 20.09 -9.37
C LEU A 190 -1.76 19.43 -10.71
N LEU A 191 -2.77 18.91 -11.40
CA LEU A 191 -2.54 18.24 -12.67
C LEU A 191 -1.99 19.19 -13.72
N ALA A 192 -2.43 20.45 -13.70
CA ALA A 192 -1.89 21.45 -14.60
C ALA A 192 -0.40 21.64 -14.41
N LEU A 193 0.08 21.49 -13.16
CA LEU A 193 1.53 21.55 -12.96
C LEU A 193 2.28 20.47 -13.71
N LEU A 194 1.62 19.36 -14.05
CA LEU A 194 2.26 18.24 -14.73
C LEU A 194 1.94 18.18 -16.21
N ALA A 195 1.22 19.16 -16.76
CA ALA A 195 0.84 19.16 -18.18
C ALA A 195 1.99 19.73 -19.02
N VAL A 196 3.05 18.94 -19.10
CA VAL A 196 4.22 19.28 -19.91
C VAL A 196 4.49 18.14 -20.87
N PRO A 197 5.11 18.39 -22.03
CA PRO A 197 5.31 17.29 -22.99
C PRO A 197 6.28 16.22 -22.49
N ASP A 198 7.26 16.57 -21.66
CA ASP A 198 8.22 15.60 -21.13
C ASP A 198 8.48 15.91 -19.67
N LEU A 199 8.15 14.94 -18.80
CA LEU A 199 8.30 15.12 -17.36
C LEU A 199 9.75 15.34 -16.94
N SER A 200 10.71 14.93 -17.78
CA SER A 200 12.13 15.06 -17.41
C SER A 200 12.61 16.49 -17.35
N THR A 201 11.85 17.44 -17.90
CA THR A 201 12.22 18.86 -17.82
C THR A 201 11.86 19.49 -16.49
N LEU A 202 11.02 18.83 -15.69
CA LEU A 202 10.70 19.34 -14.36
C LEU A 202 11.81 18.99 -13.38
N ALA A 203 11.98 19.84 -12.37
CA ALA A 203 12.94 19.55 -11.31
C ALA A 203 12.54 18.28 -10.57
N CYS A 204 13.55 17.51 -10.18
CA CYS A 204 13.30 16.18 -9.63
C CYS A 204 12.54 16.24 -8.31
N GLY A 205 12.94 17.15 -7.41
CA GLY A 205 12.22 17.27 -6.15
C GLY A 205 10.79 17.73 -6.33
N TYR A 206 10.59 18.68 -7.25
CA TYR A 206 9.25 19.17 -7.58
C TYR A 206 8.36 18.03 -8.05
N LEU A 207 8.86 17.22 -9.00
CA LEU A 207 8.08 16.12 -9.54
C LEU A 207 7.77 15.07 -8.47
N ARG A 208 8.77 14.76 -7.63
CA ARG A 208 8.56 13.82 -6.53
C ARG A 208 7.47 14.31 -5.58
N ASN A 209 7.50 15.60 -5.25
CA ASN A 209 6.49 16.13 -4.33
C ASN A 209 5.10 16.08 -4.94
N LEU A 210 4.97 16.45 -6.22
CA LEU A 210 3.67 16.35 -6.88
C LEU A 210 3.16 14.91 -6.90
N THR A 211 4.05 13.94 -7.21
CA THR A 211 3.64 12.55 -7.22
C THR A 211 3.16 12.10 -5.84
N TRP A 212 3.90 12.46 -4.80
CA TRP A 212 3.52 12.08 -3.44
C TRP A 212 2.17 12.68 -3.05
N THR A 213 1.95 13.96 -3.36
CA THR A 213 0.67 14.57 -3.00
C THR A 213 -0.49 13.94 -3.77
N LEU A 214 -0.28 13.60 -5.05
CA LEU A 214 -1.32 12.90 -5.80
C LEU A 214 -1.62 11.53 -5.19
N SER A 215 -0.56 10.82 -4.77
CA SER A 215 -0.77 9.52 -4.13
C SER A 215 -1.59 9.67 -2.85
N ASN A 216 -1.37 10.76 -2.10
CA ASN A 216 -2.21 10.98 -0.92
C ASN A 216 -3.64 11.32 -1.29
N LEU A 217 -3.85 11.99 -2.42
CA LEU A 217 -5.23 12.19 -2.87
C LEU A 217 -5.86 10.86 -3.30
N CYS A 218 -5.03 9.86 -3.55
CA CYS A 218 -5.54 8.56 -3.94
C CYS A 218 -5.72 7.63 -2.75
N ARG A 219 -5.29 8.06 -1.57
CA ARG A 219 -5.13 7.22 -0.39
C ARG A 219 -6.38 7.23 0.48
N ASN A 220 -6.51 6.17 1.29
CA ASN A 220 -7.46 6.00 2.39
C ASN A 220 -8.83 5.51 1.91
N LYS A 221 -9.60 4.96 2.85
CA LYS A 221 -10.88 4.33 2.54
C LYS A 221 -11.91 4.78 3.56
N ASN A 222 -13.12 4.25 3.42
CA ASN A 222 -14.28 4.58 4.23
C ASN A 222 -14.41 6.09 4.42
N PRO A 223 -14.72 6.85 3.36
CA PRO A 223 -14.90 6.31 2.01
C PRO A 223 -13.60 6.33 1.19
N ALA A 224 -13.60 5.59 0.09
CA ALA A 224 -12.57 5.74 -0.92
C ALA A 224 -12.72 7.10 -1.59
N PRO A 225 -11.69 7.57 -2.31
CA PRO A 225 -11.79 8.88 -2.98
C PRO A 225 -12.96 8.91 -3.94
N PRO A 226 -13.49 10.10 -4.24
CA PRO A 226 -14.64 10.18 -5.17
C PRO A 226 -14.28 9.63 -6.53
N LEU A 227 -15.24 8.92 -7.15
CA LEU A 227 -14.99 8.23 -8.40
C LEU A 227 -14.48 9.20 -9.47
N ASP A 228 -15.13 10.36 -9.60
CA ASP A 228 -14.73 11.30 -10.64
C ASP A 228 -13.34 11.86 -10.38
N ALA A 229 -12.95 12.02 -9.10
CA ALA A 229 -11.58 12.45 -8.81
C ALA A 229 -10.57 11.39 -9.24
N VAL A 230 -10.85 10.12 -8.95
CA VAL A 230 -9.97 9.03 -9.38
C VAL A 230 -9.86 9.02 -10.90
N GLU A 231 -10.99 9.17 -11.59
CA GLU A 231 -10.97 9.18 -13.05
C GLU A 231 -10.17 10.34 -13.59
N GLN A 232 -10.27 11.50 -12.94
CA GLN A 232 -9.53 12.68 -13.36
C GLN A 232 -8.03 12.51 -13.13
N ILE A 233 -7.66 11.84 -12.05
CA ILE A 233 -6.24 11.72 -11.71
C ILE A 233 -5.56 10.61 -12.51
N LEU A 234 -6.27 9.53 -12.83
CA LEU A 234 -5.61 8.32 -13.31
C LEU A 234 -4.71 8.50 -14.54
N PRO A 235 -5.08 9.25 -15.58
CA PRO A 235 -4.16 9.35 -16.74
C PRO A 235 -2.79 9.92 -16.38
N THR A 236 -2.77 10.93 -15.51
CA THR A 236 -1.50 11.47 -15.04
C THR A 236 -0.72 10.43 -14.24
N LEU A 237 -1.43 9.66 -13.41
CA LEU A 237 -0.79 8.55 -12.71
C LEU A 237 -0.16 7.55 -13.69
N VAL A 238 -0.88 7.21 -14.76
CA VAL A 238 -0.36 6.26 -15.74
C VAL A 238 0.92 6.80 -16.35
N ARG A 239 0.94 8.09 -16.67
CA ARG A 239 2.15 8.68 -17.23
C ARG A 239 3.29 8.69 -16.22
N LEU A 240 2.99 8.96 -14.95
CA LEU A 240 4.06 8.96 -13.94
C LEU A 240 4.62 7.56 -13.73
N LEU A 241 3.78 6.54 -13.88
CA LEU A 241 4.20 5.15 -13.76
C LEU A 241 5.24 4.75 -14.80
N HIS A 242 5.41 5.55 -15.85
CA HIS A 242 6.43 5.31 -16.87
C HIS A 242 7.63 6.23 -16.74
N HIS A 243 7.66 7.10 -15.72
CA HIS A 243 8.81 7.96 -15.52
C HIS A 243 10.01 7.15 -15.02
N ASN A 244 11.20 7.73 -15.13
CA ASN A 244 12.43 7.00 -14.82
C ASN A 244 12.94 7.19 -13.40
N ASP A 245 12.35 8.09 -12.62
CA ASP A 245 12.88 8.32 -11.28
C ASP A 245 12.36 7.25 -10.31
N PRO A 246 13.23 6.62 -9.53
CA PRO A 246 12.77 5.55 -8.63
C PRO A 246 11.74 6.00 -7.60
N GLU A 247 11.90 7.21 -7.05
CA GLU A 247 10.93 7.68 -6.05
C GLU A 247 9.57 7.97 -6.69
N VAL A 248 9.57 8.57 -7.88
CA VAL A 248 8.32 8.79 -8.59
C VAL A 248 7.64 7.45 -8.89
N LEU A 249 8.42 6.46 -9.31
CA LEU A 249 7.86 5.13 -9.58
C LEU A 249 7.26 4.51 -8.33
N ALA A 250 7.99 4.58 -7.21
CA ALA A 250 7.49 4.03 -5.95
C ALA A 250 6.18 4.69 -5.54
N ASP A 251 6.13 6.01 -5.58
CA ASP A 251 4.92 6.70 -5.13
C ASP A 251 3.75 6.51 -6.10
N SER A 252 4.04 6.36 -7.40
CA SER A 252 2.99 6.05 -8.37
C SER A 252 2.41 4.66 -8.12
N CYS A 253 3.28 3.66 -7.90
CA CYS A 253 2.79 2.34 -7.53
C CYS A 253 2.01 2.36 -6.23
N TRP A 254 2.42 3.19 -5.27
CA TRP A 254 1.63 3.32 -4.05
C TRP A 254 0.24 3.85 -4.36
N ALA A 255 0.15 4.91 -5.17
CA ALA A 255 -1.16 5.44 -5.55
C ALA A 255 -2.02 4.37 -6.21
N ILE A 256 -1.43 3.59 -7.13
CA ILE A 256 -2.18 2.56 -7.83
C ILE A 256 -2.62 1.47 -6.85
N SER A 257 -1.76 1.15 -5.87
CA SER A 257 -2.13 0.14 -4.88
C SER A 257 -3.27 0.61 -4.00
N TYR A 258 -3.31 1.91 -3.67
CA TYR A 258 -4.47 2.45 -2.97
C TYR A 258 -5.72 2.31 -3.82
N LEU A 259 -5.62 2.69 -5.10
CA LEU A 259 -6.81 2.70 -5.95
C LEU A 259 -7.35 1.30 -6.23
N THR A 260 -6.49 0.29 -6.19
CA THR A 260 -6.92 -1.09 -6.40
C THR A 260 -7.33 -1.78 -5.10
N ASP A 261 -7.21 -1.11 -3.96
CA ASP A 261 -7.59 -1.67 -2.67
C ASP A 261 -9.08 -1.36 -2.43
N GLY A 262 -9.94 -2.17 -3.05
CA GLY A 262 -11.37 -1.97 -2.90
C GLY A 262 -12.19 -2.95 -3.71
N PRO A 263 -13.45 -2.58 -3.99
CA PRO A 263 -14.32 -3.46 -4.76
C PRO A 263 -13.89 -3.54 -6.22
N ASN A 264 -14.44 -4.53 -6.91
CA ASN A 264 -14.00 -4.88 -8.26
C ASN A 264 -14.15 -3.73 -9.25
N GLU A 265 -15.07 -2.79 -8.99
CA GLU A 265 -15.26 -1.68 -9.91
C GLU A 265 -14.09 -0.69 -9.85
N ARG A 266 -13.54 -0.48 -8.66
CA ARG A 266 -12.33 0.33 -8.54
C ARG A 266 -11.15 -0.34 -9.25
N ILE A 267 -10.94 -1.63 -8.97
CA ILE A 267 -9.93 -2.40 -9.65
C ILE A 267 -10.10 -2.29 -11.15
N GLU A 268 -11.35 -2.32 -11.63
CA GLU A 268 -11.60 -2.25 -13.06
C GLU A 268 -11.23 -0.88 -13.62
N MET A 269 -11.54 0.19 -12.90
CA MET A 269 -11.10 1.52 -13.32
C MET A 269 -9.60 1.54 -13.56
N VAL A 270 -8.84 0.92 -12.65
CA VAL A 270 -7.38 0.89 -12.84
C VAL A 270 -6.99 0.00 -14.01
N VAL A 271 -7.53 -1.23 -14.03
CA VAL A 271 -7.10 -2.23 -15.00
C VAL A 271 -7.40 -1.79 -16.42
N LYS A 272 -8.51 -1.07 -16.64
CA LYS A 272 -8.87 -0.62 -17.97
C LYS A 272 -7.87 0.39 -18.55
N LYS A 273 -7.10 1.07 -17.70
CA LYS A 273 -6.09 2.00 -18.20
C LYS A 273 -4.86 1.29 -18.76
N GLY A 274 -4.81 -0.04 -18.69
CA GLY A 274 -3.72 -0.78 -19.30
C GLY A 274 -2.41 -0.76 -18.55
N VAL A 275 -2.43 -0.50 -17.23
CA VAL A 275 -1.20 -0.38 -16.45
C VAL A 275 -0.63 -1.71 -15.98
N VAL A 276 -1.39 -2.80 -16.09
CA VAL A 276 -0.93 -4.08 -15.52
C VAL A 276 0.42 -4.51 -16.06
N PRO A 277 0.69 -4.47 -17.37
CA PRO A 277 2.04 -4.83 -17.85
C PRO A 277 3.15 -3.99 -17.25
N GLN A 278 2.93 -2.68 -17.11
CA GLN A 278 3.94 -1.85 -16.46
C GLN A 278 4.09 -2.22 -15.00
N LEU A 279 3.00 -2.61 -14.34
CA LEU A 279 3.10 -3.07 -12.96
C LEU A 279 3.94 -4.33 -12.87
N VAL A 280 3.79 -5.24 -13.82
CA VAL A 280 4.59 -6.47 -13.83
C VAL A 280 6.06 -6.13 -14.03
N LYS A 281 6.35 -5.26 -14.99
CA LYS A 281 7.72 -4.80 -15.20
C LYS A 281 8.32 -4.24 -13.91
N LEU A 282 7.58 -3.36 -13.23
CA LEU A 282 8.09 -2.81 -11.97
C LEU A 282 8.18 -3.87 -10.89
N LEU A 283 7.34 -4.90 -10.96
CA LEU A 283 7.46 -6.03 -10.05
C LEU A 283 8.81 -6.70 -10.21
N GLY A 284 9.36 -6.67 -11.42
CA GLY A 284 10.71 -7.17 -11.60
C GLY A 284 11.85 -6.25 -11.22
N ALA A 285 11.59 -5.08 -10.62
CA ALA A 285 12.63 -4.09 -10.40
C ALA A 285 13.61 -4.52 -9.31
N THR A 286 14.78 -3.87 -9.31
CA THR A 286 15.79 -4.19 -8.31
C THR A 286 15.57 -3.42 -7.01
N GLU A 287 14.92 -2.26 -7.07
CA GLU A 287 14.72 -1.43 -5.88
C GLU A 287 13.51 -1.91 -5.10
N LEU A 288 13.76 -2.32 -3.85
CA LEU A 288 12.68 -2.75 -2.96
C LEU A 288 11.57 -1.71 -2.77
N PRO A 289 11.86 -0.40 -2.66
CA PRO A 289 10.75 0.57 -2.54
C PRO A 289 9.86 0.62 -3.77
N ILE A 290 10.28 0.04 -4.89
CA ILE A 290 9.40 -0.08 -6.06
C ILE A 290 8.67 -1.41 -6.06
N VAL A 291 9.38 -2.50 -5.75
CA VAL A 291 8.78 -3.83 -5.77
C VAL A 291 7.64 -3.91 -4.75
N THR A 292 7.83 -3.32 -3.58
CA THR A 292 6.82 -3.46 -2.53
C THR A 292 5.45 -2.91 -2.96
N PRO A 293 5.32 -1.65 -3.39
CA PRO A 293 3.99 -1.19 -3.85
C PRO A 293 3.53 -1.86 -5.13
N ALA A 294 4.45 -2.22 -6.04
CA ALA A 294 4.04 -2.94 -7.24
C ALA A 294 3.40 -4.29 -6.89
N LEU A 295 4.03 -5.02 -5.96
CA LEU A 295 3.47 -6.29 -5.52
C LEU A 295 2.14 -6.11 -4.80
N ARG A 296 2.02 -5.05 -3.98
CA ARG A 296 0.74 -4.80 -3.32
C ARG A 296 -0.36 -4.52 -4.34
N ALA A 297 -0.05 -3.72 -5.37
CA ALA A 297 -1.03 -3.46 -6.42
C ALA A 297 -1.44 -4.73 -7.15
N ILE A 298 -0.47 -5.58 -7.50
CA ILE A 298 -0.79 -6.82 -8.20
C ILE A 298 -1.66 -7.73 -7.35
N GLY A 299 -1.33 -7.85 -6.05
CA GLY A 299 -2.17 -8.65 -5.16
C GLY A 299 -3.59 -8.12 -5.04
N ASN A 300 -3.72 -6.79 -4.87
CA ASN A 300 -5.04 -6.18 -4.86
C ASN A 300 -5.81 -6.54 -6.12
N ILE A 301 -5.15 -6.42 -7.28
CA ILE A 301 -5.83 -6.69 -8.55
C ILE A 301 -6.31 -8.14 -8.60
N VAL A 302 -5.49 -9.09 -8.14
CA VAL A 302 -5.93 -10.48 -8.19
C VAL A 302 -6.93 -10.82 -7.11
N THR A 303 -7.25 -9.89 -6.19
CA THR A 303 -8.44 -10.13 -5.37
C THR A 303 -9.75 -9.91 -6.11
N GLY A 304 -9.71 -9.43 -7.36
CA GLY A 304 -10.93 -9.14 -8.10
C GLY A 304 -11.52 -10.33 -8.83
N THR A 305 -12.06 -10.09 -10.03
CA THR A 305 -12.67 -11.15 -10.81
C THR A 305 -11.59 -12.03 -11.44
N ASP A 306 -12.02 -13.19 -11.93
CA ASP A 306 -11.10 -14.09 -12.62
C ASP A 306 -10.54 -13.46 -13.88
N GLU A 307 -11.29 -12.55 -14.52
CA GLU A 307 -10.80 -11.90 -15.73
C GLU A 307 -9.71 -10.87 -15.42
N GLN A 308 -9.85 -10.14 -14.31
CA GLN A 308 -8.78 -9.23 -13.89
C GLN A 308 -7.52 -10.01 -13.49
N THR A 309 -7.70 -11.09 -12.72
CA THR A 309 -6.57 -11.98 -12.42
C THR A 309 -5.92 -12.49 -13.70
N GLN A 310 -6.74 -12.83 -14.70
CA GLN A 310 -6.20 -13.31 -15.96
C GLN A 310 -5.38 -12.24 -16.65
N LYS A 311 -5.80 -10.98 -16.53
CA LYS A 311 -4.98 -9.89 -17.07
C LYS A 311 -3.62 -9.85 -16.38
N VAL A 312 -3.59 -10.10 -15.06
CA VAL A 312 -2.29 -10.17 -14.38
C VAL A 312 -1.45 -11.31 -14.95
N ILE A 313 -2.07 -12.47 -15.18
CA ILE A 313 -1.32 -13.63 -15.66
C ILE A 313 -0.79 -13.39 -17.08
N ASP A 314 -1.65 -12.88 -17.98
CA ASP A 314 -1.24 -12.64 -19.35
C ASP A 314 -0.06 -11.67 -19.43
N ALA A 315 0.02 -10.73 -18.49
CA ALA A 315 1.12 -9.78 -18.51
C ALA A 315 2.46 -10.40 -18.12
N GLY A 316 2.47 -11.66 -17.70
CA GLY A 316 3.70 -12.36 -17.38
C GLY A 316 4.10 -12.38 -15.92
N ALA A 317 3.16 -12.14 -15.01
CA ALA A 317 3.52 -11.93 -13.61
C ALA A 317 4.10 -13.21 -12.98
N LEU A 318 3.56 -14.37 -13.37
CA LEU A 318 3.94 -15.60 -12.70
C LEU A 318 5.44 -15.90 -12.83
N ALA A 319 6.06 -15.46 -13.93
CA ALA A 319 7.48 -15.69 -14.14
C ALA A 319 8.35 -14.96 -13.12
N VAL A 320 7.79 -13.98 -12.41
CA VAL A 320 8.55 -13.28 -11.38
C VAL A 320 8.48 -14.02 -10.05
N PHE A 321 7.55 -14.94 -9.89
CA PHE A 321 7.33 -15.45 -8.54
C PHE A 321 8.36 -16.44 -8.00
N PRO A 322 9.18 -17.12 -8.83
CA PRO A 322 10.32 -17.84 -8.23
C PRO A 322 11.19 -16.94 -7.37
N SER A 323 11.47 -15.72 -7.84
CA SER A 323 12.23 -14.75 -7.04
C SER A 323 11.42 -14.29 -5.83
N LEU A 324 10.19 -13.82 -6.06
CA LEU A 324 9.40 -13.22 -4.98
C LEU A 324 9.15 -14.22 -3.86
N LEU A 325 8.91 -15.48 -4.20
CA LEU A 325 8.62 -16.48 -3.18
C LEU A 325 9.87 -16.96 -2.45
N THR A 326 11.06 -16.54 -2.88
CA THR A 326 12.29 -16.79 -2.12
C THR A 326 12.98 -15.49 -1.73
N ASN A 327 12.29 -14.36 -1.84
CA ASN A 327 12.89 -13.06 -1.56
C ASN A 327 13.33 -12.97 -0.11
N PRO A 328 14.53 -12.45 0.16
CA PRO A 328 15.01 -12.41 1.55
C PRO A 328 14.25 -11.46 2.45
N LYS A 329 13.51 -10.49 1.90
CA LYS A 329 12.69 -9.61 2.73
C LYS A 329 11.38 -10.30 3.05
N THR A 330 11.11 -10.50 4.34
CA THR A 330 9.99 -11.32 4.80
C THR A 330 8.66 -10.83 4.24
N ASN A 331 8.47 -9.51 4.19
CA ASN A 331 7.19 -8.97 3.76
C ASN A 331 6.94 -9.25 2.27
N ILE A 332 8.00 -9.23 1.45
CA ILE A 332 7.84 -9.56 0.03
C ILE A 332 7.37 -11.00 -0.11
N GLN A 333 7.98 -11.92 0.62
CA GLN A 333 7.58 -13.32 0.58
C GLN A 333 6.12 -13.48 1.02
N LYS A 334 5.75 -12.82 2.11
CA LYS A 334 4.39 -12.92 2.62
C LYS A 334 3.38 -12.43 1.61
N GLU A 335 3.62 -11.26 1.02
CA GLU A 335 2.66 -10.69 0.08
C GLU A 335 2.63 -11.45 -1.24
N ALA A 336 3.77 -11.98 -1.69
CA ALA A 336 3.78 -12.82 -2.88
C ALA A 336 2.99 -14.10 -2.63
N THR A 337 3.10 -14.67 -1.43
CA THR A 337 2.36 -15.89 -1.13
C THR A 337 0.87 -15.60 -1.02
N TRP A 338 0.50 -14.45 -0.46
CA TRP A 338 -0.91 -14.06 -0.42
C TRP A 338 -1.47 -13.86 -1.84
N THR A 339 -0.69 -13.21 -2.70
CA THR A 339 -1.07 -13.07 -4.10
C THR A 339 -1.27 -14.44 -4.76
N MET A 340 -0.32 -15.36 -4.53
CA MET A 340 -0.47 -16.71 -5.08
C MET A 340 -1.73 -17.37 -4.55
N SER A 341 -2.05 -17.18 -3.26
CA SER A 341 -3.25 -17.77 -2.70
C SER A 341 -4.50 -17.26 -3.39
N ASN A 342 -4.50 -15.99 -3.78
CA ASN A 342 -5.65 -15.48 -4.52
C ASN A 342 -5.65 -15.89 -5.98
N ILE A 343 -4.50 -16.30 -6.50
CA ILE A 343 -4.48 -16.84 -7.86
C ILE A 343 -4.95 -18.30 -7.87
N THR A 344 -4.56 -19.09 -6.88
CA THR A 344 -5.02 -20.47 -6.82
C THR A 344 -6.49 -20.60 -6.44
N ALA A 345 -7.14 -19.51 -6.06
CA ALA A 345 -8.59 -19.51 -5.86
C ALA A 345 -9.35 -19.23 -7.15
N GLY A 346 -8.65 -19.12 -8.27
CA GLY A 346 -9.26 -18.84 -9.56
C GLY A 346 -9.67 -20.09 -10.31
N ARG A 347 -9.73 -19.97 -11.64
CA ARG A 347 -10.17 -21.07 -12.48
C ARG A 347 -9.12 -22.17 -12.53
N GLN A 348 -9.55 -23.34 -13.03
CA GLN A 348 -8.64 -24.45 -13.21
C GLN A 348 -7.57 -24.16 -14.25
N ASP A 349 -7.91 -23.42 -15.31
CA ASP A 349 -6.87 -23.04 -16.28
C ASP A 349 -5.85 -22.09 -15.66
N GLN A 350 -6.28 -21.25 -14.71
CA GLN A 350 -5.33 -20.39 -14.01
C GLN A 350 -4.47 -21.19 -13.03
N ILE A 351 -5.08 -22.13 -12.31
CA ILE A 351 -4.30 -23.08 -11.51
C ILE A 351 -3.29 -23.80 -12.39
N GLN A 352 -3.69 -24.14 -13.61
CA GLN A 352 -2.81 -24.86 -14.53
C GLN A 352 -1.64 -23.99 -14.96
N GLN A 353 -1.89 -22.69 -15.17
CA GLN A 353 -0.77 -21.80 -15.48
C GLN A 353 0.17 -21.67 -14.29
N VAL A 354 -0.37 -21.68 -13.07
CA VAL A 354 0.49 -21.74 -11.89
C VAL A 354 1.37 -22.98 -11.94
N VAL A 355 0.77 -24.12 -12.31
CA VAL A 355 1.54 -25.37 -12.44
C VAL A 355 2.63 -25.23 -13.49
N ASN A 356 2.27 -24.75 -14.68
CA ASN A 356 3.21 -24.71 -15.80
C ASN A 356 4.43 -23.83 -15.47
N HIS A 357 4.21 -22.75 -14.73
CA HIS A 357 5.32 -21.87 -14.36
C HIS A 357 6.19 -22.46 -13.27
N GLY A 358 5.95 -23.70 -12.86
CA GLY A 358 6.78 -24.36 -11.87
C GLY A 358 6.66 -23.82 -10.47
N LEU A 359 5.51 -23.24 -10.12
CA LEU A 359 5.36 -22.52 -8.86
C LEU A 359 4.92 -23.40 -7.70
N VAL A 360 4.43 -24.61 -7.96
CA VAL A 360 4.04 -25.51 -6.89
C VAL A 360 5.24 -25.91 -6.02
N PRO A 361 6.40 -26.28 -6.59
CA PRO A 361 7.57 -26.50 -5.72
C PRO A 361 7.92 -25.29 -4.87
N PHE A 362 7.72 -24.07 -5.38
CA PHE A 362 8.00 -22.91 -4.55
C PHE A 362 6.98 -22.76 -3.43
N LEU A 363 5.72 -23.12 -3.69
CA LEU A 363 4.74 -23.15 -2.61
C LEU A 363 5.10 -24.21 -1.56
N VAL A 364 5.54 -25.38 -2.00
CA VAL A 364 6.01 -26.40 -1.08
C VAL A 364 7.16 -25.86 -0.24
N GLY A 365 8.08 -25.15 -0.88
CA GLY A 365 9.21 -24.59 -0.14
C GLY A 365 8.78 -23.60 0.92
N VAL A 366 7.90 -22.67 0.56
CA VAL A 366 7.42 -21.69 1.53
C VAL A 366 6.66 -22.37 2.66
N LEU A 367 5.88 -23.41 2.33
CA LEU A 367 5.22 -24.17 3.38
C LEU A 367 6.22 -24.87 4.30
N SER A 368 7.35 -25.32 3.75
CA SER A 368 8.35 -26.05 4.54
C SER A 368 9.14 -25.11 5.46
N LYS A 369 9.55 -23.95 4.95
CA LYS A 369 10.37 -23.04 5.74
C LYS A 369 10.08 -21.61 5.32
N ALA A 370 9.56 -20.82 6.25
CA ALA A 370 9.29 -19.41 6.04
C ALA A 370 8.87 -18.82 7.38
N ASP A 371 8.79 -17.50 7.41
CA ASP A 371 8.12 -16.83 8.52
C ASP A 371 6.70 -17.37 8.66
N PHE A 372 6.20 -17.43 9.89
CA PHE A 372 4.94 -18.12 10.14
C PHE A 372 3.78 -17.49 9.38
N LYS A 373 3.75 -16.16 9.31
CA LYS A 373 2.67 -15.51 8.56
C LYS A 373 2.70 -15.91 7.09
N THR A 374 3.91 -16.01 6.53
CA THR A 374 4.06 -16.49 5.16
C THR A 374 3.57 -17.94 5.04
N GLN A 375 3.87 -18.77 6.05
CA GLN A 375 3.43 -20.16 6.02
C GLN A 375 1.90 -20.25 6.06
N LYS A 376 1.26 -19.36 6.81
CA LYS A 376 -0.20 -19.32 6.84
C LYS A 376 -0.76 -18.94 5.47
N GLU A 377 -0.15 -17.94 4.83
CA GLU A 377 -0.57 -17.60 3.46
C GLU A 377 -0.37 -18.78 2.52
N ALA A 378 0.68 -19.57 2.73
CA ALA A 378 0.92 -20.73 1.87
C ALA A 378 -0.13 -21.80 2.10
N ALA A 379 -0.50 -22.02 3.36
CA ALA A 379 -1.59 -22.95 3.66
C ALA A 379 -2.87 -22.52 2.97
N TRP A 380 -3.17 -21.22 3.00
CA TRP A 380 -4.34 -20.70 2.27
C TRP A 380 -4.22 -21.00 0.78
N ALA A 381 -3.05 -20.74 0.20
CA ALA A 381 -2.84 -21.03 -1.22
C ALA A 381 -3.11 -22.50 -1.53
N ILE A 382 -2.67 -23.39 -0.65
CA ILE A 382 -2.84 -24.83 -0.88
C ILE A 382 -4.31 -25.22 -0.79
N THR A 383 -5.02 -24.70 0.21
CA THR A 383 -6.44 -25.05 0.34
C THR A 383 -7.25 -24.52 -0.84
N ASN A 384 -6.95 -23.30 -1.30
CA ASN A 384 -7.61 -22.78 -2.49
C ASN A 384 -7.33 -23.68 -3.70
N TYR A 385 -6.05 -24.04 -3.89
CA TYR A 385 -5.67 -24.96 -4.96
C TYR A 385 -6.49 -26.25 -4.91
N THR A 386 -6.54 -26.89 -3.74
CA THR A 386 -7.18 -28.19 -3.64
C THR A 386 -8.70 -28.08 -3.76
N SER A 387 -9.28 -26.95 -3.38
CA SER A 387 -10.72 -26.79 -3.51
C SER A 387 -11.12 -26.54 -4.97
N GLY A 388 -10.29 -25.81 -5.71
CA GLY A 388 -10.66 -25.49 -7.08
C GLY A 388 -10.09 -26.39 -8.15
N GLY A 389 -9.05 -27.17 -7.82
CA GLY A 389 -8.31 -27.87 -8.86
C GLY A 389 -8.95 -29.16 -9.32
N THR A 390 -8.49 -29.63 -10.49
CA THR A 390 -8.87 -30.94 -10.97
C THR A 390 -8.19 -32.03 -10.15
N VAL A 391 -8.52 -33.29 -10.44
CA VAL A 391 -7.90 -34.39 -9.72
C VAL A 391 -6.42 -34.49 -10.08
N GLU A 392 -6.09 -34.33 -11.37
CA GLU A 392 -4.69 -34.43 -11.78
C GLU A 392 -3.84 -33.34 -11.15
N GLN A 393 -4.41 -32.14 -10.98
CA GLN A 393 -3.66 -31.05 -10.36
C GLN A 393 -3.40 -31.33 -8.88
N ILE A 394 -4.37 -31.92 -8.18
CA ILE A 394 -4.17 -32.28 -6.78
C ILE A 394 -3.16 -33.41 -6.65
N VAL A 395 -3.22 -34.38 -7.57
CA VAL A 395 -2.21 -35.44 -7.62
C VAL A 395 -0.82 -34.84 -7.78
N TYR A 396 -0.67 -33.92 -8.72
CA TYR A 396 0.61 -33.27 -8.96
C TYR A 396 1.10 -32.55 -7.71
N LEU A 397 0.20 -31.86 -7.01
CA LEU A 397 0.57 -31.18 -5.79
C LEU A 397 1.09 -32.17 -4.75
N VAL A 398 0.47 -33.35 -4.64
CA VAL A 398 0.98 -34.35 -3.71
C VAL A 398 2.35 -34.85 -4.15
N HIS A 399 2.52 -35.08 -5.47
CA HIS A 399 3.78 -35.55 -6.00
C HIS A 399 4.91 -34.54 -5.83
N CYS A 400 4.61 -33.25 -5.71
CA CYS A 400 5.64 -32.27 -5.39
C CYS A 400 6.05 -32.27 -3.92
N GLY A 401 5.34 -32.96 -3.05
CA GLY A 401 5.74 -33.09 -1.67
C GLY A 401 4.98 -32.24 -0.67
N ILE A 402 3.71 -31.92 -0.92
CA ILE A 402 3.00 -31.02 -0.03
C ILE A 402 2.66 -31.66 1.31
N ILE A 403 2.59 -33.00 1.37
CA ILE A 403 1.96 -33.67 2.49
C ILE A 403 2.77 -33.49 3.77
N GLU A 404 4.09 -33.70 3.71
CA GLU A 404 4.88 -33.63 4.93
C GLU A 404 4.92 -32.23 5.53
N PRO A 405 5.19 -31.16 4.78
CA PRO A 405 5.14 -29.82 5.40
C PRO A 405 3.75 -29.44 5.85
N LEU A 406 2.72 -29.82 5.08
CA LEU A 406 1.34 -29.63 5.52
C LEU A 406 1.12 -30.26 6.90
N MET A 407 1.57 -31.51 7.08
CA MET A 407 1.43 -32.17 8.37
C MET A 407 2.22 -31.45 9.44
N ASN A 408 3.49 -31.12 9.16
CA ASN A 408 4.32 -30.44 10.15
C ASN A 408 3.67 -29.16 10.66
N LEU A 409 2.92 -28.47 9.80
CA LEU A 409 2.24 -27.26 10.27
C LEU A 409 1.08 -27.56 11.21
N LEU A 410 0.62 -28.81 11.30
CA LEU A 410 -0.48 -29.14 12.20
C LEU A 410 -0.11 -29.05 13.67
N SER A 411 1.15 -28.78 14.00
CA SER A 411 1.56 -28.57 15.39
C SER A 411 1.61 -27.09 15.75
N ALA A 412 0.89 -26.25 15.04
CA ALA A 412 0.91 -24.82 15.29
C ALA A 412 -0.17 -24.43 16.29
N LYS A 413 0.07 -23.33 17.00
CA LYS A 413 -0.87 -22.79 17.97
C LYS A 413 -1.86 -21.81 17.36
N ASP A 414 -2.14 -21.93 16.07
CA ASP A 414 -3.09 -21.08 15.37
C ASP A 414 -4.27 -21.93 14.92
N THR A 415 -5.46 -21.59 15.41
CA THR A 415 -6.64 -22.40 15.12
C THR A 415 -7.05 -22.29 13.65
N LYS A 416 -6.93 -21.09 13.08
CA LYS A 416 -7.35 -20.88 11.69
C LYS A 416 -6.50 -21.69 10.72
N ILE A 417 -5.18 -21.73 10.94
CA ILE A 417 -4.34 -22.50 10.03
C ILE A 417 -4.61 -23.99 10.18
N ILE A 418 -4.96 -24.45 11.37
CA ILE A 418 -5.32 -25.85 11.56
C ILE A 418 -6.56 -26.18 10.74
N GLN A 419 -7.59 -25.33 10.84
CA GLN A 419 -8.78 -25.54 10.02
C GLN A 419 -8.44 -25.55 8.53
N VAL A 420 -7.59 -24.62 8.10
CA VAL A 420 -7.24 -24.51 6.68
C VAL A 420 -6.55 -25.78 6.20
N ILE A 421 -5.58 -26.27 6.98
CA ILE A 421 -4.84 -27.47 6.59
C ILE A 421 -5.75 -28.69 6.57
N LEU A 422 -6.66 -28.79 7.54
CA LEU A 422 -7.56 -29.93 7.58
C LEU A 422 -8.49 -29.93 6.37
N ASP A 423 -9.00 -28.75 5.98
CA ASP A 423 -9.81 -28.67 4.77
C ASP A 423 -9.00 -29.10 3.54
N ALA A 424 -7.76 -28.63 3.45
CA ALA A 424 -6.91 -29.02 2.32
C ALA A 424 -6.74 -30.53 2.25
N ILE A 425 -6.49 -31.17 3.40
CA ILE A 425 -6.24 -32.60 3.43
C ILE A 425 -7.50 -33.37 3.06
N SER A 426 -8.67 -32.89 3.49
CA SER A 426 -9.89 -33.57 3.11
C SER A 426 -10.15 -33.44 1.61
N ASN A 427 -9.83 -32.29 1.03
CA ASN A 427 -9.93 -32.17 -0.43
C ASN A 427 -9.01 -33.17 -1.14
N ILE A 428 -7.77 -33.29 -0.65
CA ILE A 428 -6.83 -34.24 -1.23
C ILE A 428 -7.38 -35.66 -1.12
N PHE A 429 -7.97 -35.98 0.04
CA PHE A 429 -8.55 -37.31 0.24
C PHE A 429 -9.71 -37.55 -0.70
N GLN A 430 -10.51 -36.53 -0.98
CA GLN A 430 -11.61 -36.67 -1.93
C GLN A 430 -11.09 -37.04 -3.31
N ALA A 431 -10.05 -36.33 -3.77
CA ALA A 431 -9.46 -36.68 -5.07
C ALA A 431 -8.91 -38.11 -5.05
N ALA A 432 -8.27 -38.49 -3.94
CA ALA A 432 -7.76 -39.86 -3.82
C ALA A 432 -8.88 -40.88 -3.90
N GLU A 433 -10.04 -40.57 -3.31
CA GLU A 433 -11.21 -41.43 -3.44
C GLU A 433 -11.57 -41.63 -4.89
N LYS A 434 -11.64 -40.52 -5.65
CA LYS A 434 -11.92 -40.65 -7.08
C LYS A 434 -10.91 -41.56 -7.76
N LEU A 435 -9.65 -41.57 -7.30
CA LEU A 435 -8.68 -42.47 -7.90
C LEU A 435 -8.56 -43.82 -7.19
N GLY A 436 -9.32 -44.03 -6.12
CA GLY A 436 -9.18 -45.27 -5.36
C GLY A 436 -7.84 -45.46 -4.71
N GLU A 437 -7.10 -44.37 -4.48
CA GLU A 437 -5.75 -44.41 -3.92
C GLU A 437 -5.71 -43.81 -2.51
N THR A 438 -6.80 -43.95 -1.74
CA THR A 438 -6.91 -43.23 -0.49
C THR A 438 -5.96 -43.77 0.56
N GLU A 439 -5.84 -45.09 0.67
CA GLU A 439 -4.99 -45.62 1.73
C GLU A 439 -3.50 -45.47 1.43
N LYS A 440 -3.09 -45.35 0.16
CA LYS A 440 -1.72 -44.93 -0.10
C LYS A 440 -1.48 -43.55 0.48
N LEU A 441 -2.47 -42.66 0.36
CA LEU A 441 -2.35 -41.34 0.96
C LEU A 441 -2.36 -41.41 2.48
N SER A 442 -3.16 -42.32 3.05
CA SER A 442 -3.18 -42.46 4.51
C SER A 442 -1.86 -43.00 5.04
N ILE A 443 -1.25 -43.95 4.31
CA ILE A 443 0.06 -44.45 4.70
C ILE A 443 1.11 -43.35 4.56
N MET A 444 1.02 -42.54 3.50
CA MET A 444 1.92 -41.41 3.36
C MET A 444 1.78 -40.45 4.53
N ILE A 445 0.53 -40.21 4.97
CA ILE A 445 0.30 -39.30 6.09
C ILE A 445 0.82 -39.89 7.39
N GLU A 446 0.68 -41.20 7.57
CA GLU A 446 1.10 -41.82 8.82
C GLU A 446 2.62 -41.97 8.92
N GLU A 447 3.30 -42.18 7.79
CA GLU A 447 4.75 -42.39 7.84
C GLU A 447 5.52 -41.11 8.14
N CYS A 448 4.92 -39.94 7.90
CA CYS A 448 5.57 -38.68 8.20
C CYS A 448 5.11 -38.09 9.53
N GLY A 449 4.34 -38.85 10.31
CA GLY A 449 3.85 -38.38 11.59
C GLY A 449 2.55 -37.62 11.55
N GLY A 450 1.83 -37.65 10.42
CA GLY A 450 0.62 -36.86 10.31
C GLY A 450 -0.53 -37.43 11.12
N LEU A 451 -0.66 -38.76 11.14
CA LEU A 451 -1.78 -39.37 11.86
C LEU A 451 -1.72 -39.05 13.35
N ASP A 452 -0.51 -39.03 13.93
CA ASP A 452 -0.38 -38.69 15.34
C ASP A 452 -0.96 -37.31 15.62
N LYS A 453 -0.61 -36.33 14.78
CA LYS A 453 -1.09 -34.97 15.03
C LYS A 453 -2.59 -34.85 14.78
N ILE A 454 -3.10 -35.50 13.73
CA ILE A 454 -4.53 -35.44 13.46
C ILE A 454 -5.32 -36.10 14.59
N GLU A 455 -4.81 -37.21 15.12
CA GLU A 455 -5.49 -37.90 16.21
C GLU A 455 -5.43 -37.08 17.50
N ALA A 456 -4.30 -36.42 17.76
CA ALA A 456 -4.21 -35.53 18.91
C ALA A 456 -5.19 -34.37 18.78
N LEU A 457 -5.42 -33.89 17.55
CA LEU A 457 -6.36 -32.79 17.34
C LEU A 457 -7.80 -33.17 17.68
N GLN A 458 -8.09 -34.46 17.92
CA GLN A 458 -9.42 -34.83 18.39
C GLN A 458 -9.70 -34.22 19.77
N ARG A 459 -8.70 -34.25 20.65
CA ARG A 459 -8.80 -33.63 21.97
C ARG A 459 -8.30 -32.19 21.89
N HIS A 460 -9.09 -31.36 21.22
CA HIS A 460 -8.73 -29.97 20.96
C HIS A 460 -9.88 -29.05 21.36
N GLU A 461 -9.52 -27.82 21.73
CA GLU A 461 -10.50 -26.88 22.27
C GLU A 461 -11.56 -26.51 21.24
N ASN A 462 -11.14 -26.11 20.05
CA ASN A 462 -12.09 -25.70 19.03
C ASN A 462 -12.98 -26.87 18.61
N GLU A 463 -14.27 -26.58 18.43
CA GLU A 463 -15.21 -27.63 18.06
C GLU A 463 -15.03 -28.04 16.60
N SER A 464 -14.80 -27.09 15.71
CA SER A 464 -14.65 -27.42 14.29
C SER A 464 -13.40 -28.26 14.05
N VAL A 465 -12.32 -27.95 14.76
CA VAL A 465 -11.08 -28.71 14.66
C VAL A 465 -11.32 -30.16 15.04
N TYR A 466 -11.91 -30.39 16.22
CA TYR A 466 -12.20 -31.74 16.68
C TYR A 466 -13.13 -32.47 15.72
N LYS A 467 -14.13 -31.76 15.20
CA LYS A 467 -15.08 -32.38 14.29
C LYS A 467 -14.39 -32.85 13.00
N ALA A 468 -13.57 -31.98 12.40
CA ALA A 468 -12.91 -32.35 11.16
C ALA A 468 -11.89 -33.47 11.39
N SER A 469 -11.17 -33.42 12.51
CA SER A 469 -10.18 -34.48 12.78
C SER A 469 -10.86 -35.83 13.01
N LEU A 470 -11.94 -35.84 13.80
CA LEU A 470 -12.69 -37.07 14.02
C LEU A 470 -13.27 -37.60 12.72
N ASN A 471 -13.80 -36.70 11.88
CA ASN A 471 -14.28 -37.12 10.56
C ASN A 471 -13.18 -37.77 9.75
N LEU A 472 -11.98 -37.17 9.75
CA LEU A 472 -10.89 -37.71 8.96
C LEU A 472 -10.50 -39.11 9.41
N ILE A 473 -10.36 -39.33 10.73
CA ILE A 473 -9.90 -40.65 11.18
C ILE A 473 -11.02 -41.68 11.08
N GLU A 474 -12.27 -41.25 11.22
CA GLU A 474 -13.38 -42.16 11.01
C GLU A 474 -13.50 -42.59 9.55
N LYS A 475 -13.23 -41.70 8.61
CA LYS A 475 -13.38 -42.01 7.19
C LYS A 475 -12.16 -42.71 6.61
N TYR A 476 -10.96 -42.35 7.05
CA TYR A 476 -9.74 -42.88 6.44
C TYR A 476 -8.80 -43.45 7.50
N ARG B 3 5.43 8.60 6.29
CA ARG B 3 4.58 7.84 5.39
C ARG B 3 3.47 8.73 4.83
N LYS B 4 2.48 9.00 5.68
CA LYS B 4 1.33 9.80 5.29
C LYS B 4 1.63 11.29 5.28
N LYS B 5 2.50 11.76 6.18
CA LYS B 5 2.86 13.16 6.29
C LYS B 5 4.38 13.30 6.28
N LYS B 6 4.86 14.46 5.86
CA LYS B 6 6.28 14.69 5.67
C LYS B 6 6.64 16.06 6.22
N ASN B 7 7.54 16.07 7.20
CA ASN B 7 8.13 17.32 7.67
C ASN B 7 9.20 17.77 6.69
N LYS B 8 9.25 19.07 6.40
CA LYS B 8 10.28 19.63 5.53
C LYS B 8 11.40 20.19 6.41
N ALA B 9 12.54 19.52 6.41
CA ALA B 9 13.69 19.95 7.21
C ALA B 9 14.71 20.66 6.33
#